data_4ONH
#
_entry.id   4ONH
#
_cell.length_a   143.825
_cell.length_b   64.063
_cell.length_c   69.534
_cell.angle_alpha   90.00
_cell.angle_beta   115.88
_cell.angle_gamma   90.00
#
_symmetry.space_group_name_H-M   'C 1 2 1'
#
loop_
_entity.id
_entity.type
_entity.pdbx_description
1 polymer 'T-cell receptor alpha'
2 polymer 'T-cell receptor beta'
3 non-polymer 2-acetamido-2-deoxy-beta-D-glucopyranose
4 non-polymer 'CHLORIDE ION'
5 non-polymer GLYCEROL
6 water water
#
loop_
_entity_poly.entity_id
_entity_poly.type
_entity_poly.pdbx_seq_one_letter_code
_entity_poly.pdbx_strand_id
1 'polypeptide(L)'
;NAGVTQTPKFRILKIGQSMTLQCTQDMNHNYMYWYRQDPGMGLKLIYYSVGAGITDKGEVPNGYNVSRSTTEDFPLRLEL
AAPSQTSVYFCASRHGLASYEQYFGPGTRLTVTEDLKNVFPPEVAVFEPSEAEISHTQKATLVCLATGFYPDHVELSWWV
NGKEVHSGVCTDPQPLKEQPALNDSRYALSSRLRVSATFWQNPRNHFRCQVQFYGLSENDEWTQDRAKPVTQIVSAEAWG
RAD
;
B
2 'polypeptide(L)'
;PKVVQSPLSLVVHEGDTVTLNCSYEVTNFRSLLWYKQEKKAPTFLFMLTSSGIEKKSGRLSSILDKKELFSILNITATQT
GDSAVYLCAWAGGTSYGKLTFGQGTILTVHPNIQKPDPAVYQLRDSKSSDKSVCLFTDFDSQTNVSQSKDSDVYITDKCV
LDMRSMDFKSNSAVAWSNKSDFACANAFNNSIIPEDTFFPSPESS
;
A
#
# COMPACT_ATOMS: atom_id res chain seq x y z
N ALA A 2 -19.71 -4.78 6.28
CA ALA A 2 -21.03 -4.15 6.17
C ALA A 2 -20.96 -2.68 6.56
N GLY A 3 -19.78 -2.11 6.51
CA GLY A 3 -19.58 -0.72 6.86
C GLY A 3 -19.64 0.19 5.64
N VAL A 4 -18.88 1.27 5.67
CA VAL A 4 -18.80 2.20 4.55
C VAL A 4 -18.29 1.49 3.29
N THR A 5 -19.05 1.59 2.21
CA THR A 5 -18.63 0.97 0.95
C THR A 5 -18.76 1.92 -0.23
N GLN A 6 -17.63 2.23 -0.88
CA GLN A 6 -17.63 3.18 -1.98
C GLN A 6 -17.32 2.48 -3.31
N THR A 7 -17.30 3.25 -4.39
CA THR A 7 -17.18 2.71 -5.75
C THR A 7 -17.04 3.83 -6.78
N PRO A 8 -16.22 3.61 -7.82
CA PRO A 8 -15.42 2.39 -8.04
C PRO A 8 -14.11 2.40 -7.28
N LYS A 9 -13.33 1.32 -7.36
CA LYS A 9 -12.04 1.24 -6.69
C LYS A 9 -10.96 1.98 -7.49
N PHE A 10 -10.91 1.73 -8.79
CA PHE A 10 -9.91 2.34 -9.64
C PHE A 10 -10.53 3.06 -10.83
N ARG A 11 -9.94 4.20 -11.21
CA ARG A 11 -10.44 4.95 -12.35
C ARG A 11 -9.33 5.68 -13.09
N ILE A 12 -9.47 5.78 -14.40
CA ILE A 12 -8.55 6.54 -15.22
C ILE A 12 -9.38 7.41 -16.16
N LEU A 13 -8.81 8.53 -16.61
CA LEU A 13 -9.48 9.34 -17.62
C LEU A 13 -8.64 10.51 -18.14
N LYS A 14 -9.05 11.01 -19.31
CA LYS A 14 -8.44 12.18 -19.92
C LYS A 14 -8.87 13.44 -19.18
N ILE A 15 -8.16 14.54 -19.42
CA ILE A 15 -8.49 15.77 -18.73
C ILE A 15 -9.83 16.29 -19.26
N GLY A 16 -10.34 17.35 -18.65
CA GLY A 16 -11.64 17.90 -19.02
C GLY A 16 -12.76 16.87 -19.14
N GLN A 17 -12.75 15.87 -18.26
CA GLN A 17 -13.75 14.81 -18.32
C GLN A 17 -14.46 14.64 -16.97
N SER A 18 -15.63 14.01 -16.99
CA SER A 18 -16.48 13.93 -15.81
C SER A 18 -16.53 12.54 -15.20
N MET A 19 -16.69 12.48 -13.87
CA MET A 19 -16.76 11.20 -13.17
C MET A 19 -17.60 11.30 -11.89
N THR A 20 -18.28 10.22 -11.53
CA THR A 20 -19.04 10.19 -10.28
C THR A 20 -18.55 9.06 -9.36
N LEU A 21 -18.26 9.42 -8.11
CA LEU A 21 -17.88 8.44 -7.10
C LEU A 21 -19.01 8.28 -6.09
N GLN A 22 -19.48 7.05 -5.92
CA GLN A 22 -20.60 6.79 -5.04
C GLN A 22 -20.15 6.15 -3.73
N CYS A 23 -20.74 6.61 -2.63
CA CYS A 23 -20.48 6.04 -1.32
C CYS A 23 -21.78 5.66 -0.62
N THR A 24 -21.82 4.44 -0.09
CA THR A 24 -23.03 3.91 0.53
C THR A 24 -22.77 3.37 1.93
N GLN A 25 -23.66 3.69 2.86
CA GLN A 25 -23.63 3.09 4.19
C GLN A 25 -25.04 2.74 4.67
N ASP A 26 -25.24 1.48 5.05
CA ASP A 26 -26.50 1.04 5.63
C ASP A 26 -26.43 1.06 7.15
N MET A 27 -25.30 1.55 7.67
CA MET A 27 -25.04 1.62 9.10
C MET A 27 -25.97 2.62 9.81
N ASN A 28 -26.76 3.34 9.04
CA ASN A 28 -27.65 4.38 9.55
C ASN A 28 -26.85 5.46 10.27
N HIS A 29 -26.09 6.22 9.48
CA HIS A 29 -25.22 7.27 10.00
C HIS A 29 -25.59 8.63 9.43
N ASN A 30 -25.59 9.64 10.30
CA ASN A 30 -25.95 10.99 9.89
C ASN A 30 -24.85 11.68 9.09
N TYR A 31 -23.62 11.61 9.60
CA TYR A 31 -22.51 12.37 9.02
C TYR A 31 -21.71 11.53 8.04
N MET A 32 -21.53 12.06 6.83
CA MET A 32 -20.70 11.40 5.81
C MET A 32 -19.69 12.38 5.23
N TYR A 33 -18.46 11.89 5.03
CA TYR A 33 -17.36 12.74 4.61
C TYR A 33 -16.67 12.25 3.34
N TRP A 34 -15.93 13.15 2.71
CA TRP A 34 -15.07 12.79 1.59
C TRP A 34 -13.68 13.38 1.75
N TYR A 35 -12.67 12.51 1.80
CA TYR A 35 -11.29 12.92 2.01
C TYR A 35 -10.44 12.68 0.76
N ARG A 36 -9.42 13.51 0.59
CA ARG A 36 -8.48 13.36 -0.53
C ARG A 36 -7.07 13.13 -0.01
N GLN A 37 -6.40 12.13 -0.55
CA GLN A 37 -5.03 11.83 -0.12
C GLN A 37 -4.09 11.58 -1.28
N ASP A 38 -2.80 11.77 -0.98
CA ASP A 38 -1.71 11.74 -1.95
C ASP A 38 -0.42 11.92 -1.15
N PRO A 39 0.70 11.38 -1.64
CA PRO A 39 1.92 11.26 -0.83
C PRO A 39 2.40 12.54 -0.14
N GLY A 40 2.43 13.66 -0.86
CA GLY A 40 2.98 14.88 -0.29
C GLY A 40 1.99 15.84 0.38
N MET A 41 0.72 15.76 0.01
CA MET A 41 -0.27 16.70 0.51
C MET A 41 -1.01 16.19 1.75
N GLY A 42 -0.79 14.92 2.10
CA GLY A 42 -1.42 14.33 3.27
C GLY A 42 -2.90 14.04 3.08
N LEU A 43 -3.63 13.98 4.19
CA LEU A 43 -5.06 13.66 4.16
C LEU A 43 -5.92 14.88 4.53
N LYS A 44 -6.73 15.33 3.59
CA LYS A 44 -7.52 16.54 3.79
C LYS A 44 -8.98 16.37 3.37
N LEU A 45 -9.87 17.12 4.02
CA LEU A 45 -11.30 17.02 3.78
C LEU A 45 -11.75 17.83 2.57
N ILE A 46 -12.66 17.26 1.79
CA ILE A 46 -13.22 17.94 0.63
C ILE A 46 -14.62 18.44 0.89
N TYR A 47 -15.55 17.51 1.06
CA TYR A 47 -16.94 17.84 1.36
C TYR A 47 -17.45 16.98 2.50
N TYR A 48 -18.47 17.48 3.18
CA TYR A 48 -19.06 16.77 4.31
C TYR A 48 -20.54 17.09 4.44
N SER A 49 -21.30 16.13 4.95
CA SER A 49 -22.73 16.32 5.17
C SER A 49 -23.14 15.78 6.52
N VAL A 50 -23.76 16.63 7.34
CA VAL A 50 -24.18 16.24 8.68
C VAL A 50 -25.60 15.68 8.67
N GLY A 51 -26.19 15.57 7.48
CA GLY A 51 -27.52 15.03 7.33
C GLY A 51 -27.94 14.98 5.87
N ALA A 52 -29.02 14.25 5.60
CA ALA A 52 -29.53 14.14 4.24
C ALA A 52 -30.14 15.45 3.78
N GLY A 53 -29.72 15.92 2.60
CA GLY A 53 -30.24 17.14 2.03
C GLY A 53 -29.37 18.35 2.29
N ILE A 54 -28.52 18.27 3.31
CA ILE A 54 -27.64 19.38 3.66
C ILE A 54 -26.17 19.02 3.54
N THR A 55 -25.44 19.81 2.75
CA THR A 55 -24.00 19.62 2.59
C THR A 55 -23.27 20.90 2.97
N ASP A 56 -21.95 20.90 2.80
CA ASP A 56 -21.10 22.03 3.14
C ASP A 56 -19.65 21.77 2.73
N LYS A 57 -18.86 22.83 2.68
CA LYS A 57 -17.54 22.78 2.07
C LYS A 57 -16.42 22.50 3.06
N GLY A 58 -15.44 21.72 2.62
CA GLY A 58 -14.25 21.46 3.39
C GLY A 58 -13.09 22.31 2.93
N GLU A 59 -11.87 21.76 3.05
CA GLU A 59 -10.64 22.49 2.72
C GLU A 59 -10.48 22.74 1.22
N VAL A 60 -10.87 21.75 0.41
CA VAL A 60 -10.75 21.87 -1.04
C VAL A 60 -12.10 21.65 -1.73
N PRO A 61 -13.03 22.61 -1.58
CA PRO A 61 -14.39 22.48 -2.12
C PRO A 61 -14.46 22.57 -3.65
N ASN A 62 -13.57 23.32 -4.29
CA ASN A 62 -13.66 23.50 -5.72
C ASN A 62 -13.20 22.24 -6.45
N GLY A 63 -13.37 22.21 -7.76
CA GLY A 63 -13.05 21.03 -8.54
C GLY A 63 -14.00 19.88 -8.30
N TYR A 64 -14.89 20.04 -7.31
CA TYR A 64 -15.80 18.98 -6.90
C TYR A 64 -17.20 19.52 -6.63
N ASN A 65 -18.18 18.61 -6.58
CA ASN A 65 -19.56 18.97 -6.35
C ASN A 65 -20.28 17.80 -5.66
N VAL A 66 -21.23 18.12 -4.79
CA VAL A 66 -21.93 17.06 -4.04
C VAL A 66 -23.44 17.28 -3.97
N SER A 67 -24.18 16.20 -4.14
CA SER A 67 -25.63 16.23 -3.97
C SER A 67 -26.08 15.03 -3.13
N ARG A 68 -26.65 15.30 -1.96
CA ARG A 68 -27.12 14.23 -1.09
C ARG A 68 -28.63 14.24 -0.97
N SER A 69 -29.30 13.31 -1.64
CA SER A 69 -30.74 13.15 -1.53
C SER A 69 -31.14 12.32 -0.32
N THR A 70 -30.39 11.26 -0.08
CA THR A 70 -30.73 10.29 0.97
C THR A 70 -29.63 10.17 2.01
N THR A 71 -29.98 9.67 3.19
CA THR A 71 -29.03 9.54 4.29
C THR A 71 -27.97 8.49 4.01
N GLU A 72 -28.37 7.41 3.34
CA GLU A 72 -27.49 6.28 3.09
C GLU A 72 -26.33 6.61 2.15
N ASP A 73 -26.63 7.32 1.07
CA ASP A 73 -25.63 7.62 0.06
C ASP A 73 -25.20 9.08 0.05
N PHE A 74 -23.89 9.30 0.00
CA PHE A 74 -23.33 10.64 -0.13
C PHE A 74 -22.20 10.63 -1.16
N PRO A 75 -22.56 10.74 -2.44
CA PRO A 75 -21.58 10.68 -3.54
C PRO A 75 -20.92 12.01 -3.80
N LEU A 76 -19.99 12.04 -4.75
CA LEU A 76 -19.43 13.30 -5.22
C LEU A 76 -19.07 13.21 -6.70
N ARG A 77 -18.98 14.36 -7.36
CA ARG A 77 -18.76 14.38 -8.79
C ARG A 77 -17.60 15.31 -9.18
N LEU A 78 -16.77 14.83 -10.11
CA LEU A 78 -15.76 15.66 -10.73
C LEU A 78 -16.29 16.10 -12.08
N GLU A 79 -16.57 17.39 -12.19
CA GLU A 79 -17.13 17.97 -13.41
C GLU A 79 -16.09 18.00 -14.52
N LEU A 80 -14.94 18.59 -14.21
CA LEU A 80 -13.82 18.63 -15.15
C LEU A 80 -12.59 17.99 -14.53
N ALA A 81 -12.09 16.95 -15.20
CA ALA A 81 -10.89 16.26 -14.73
C ALA A 81 -9.68 17.18 -14.83
N ALA A 82 -8.76 17.03 -13.89
CA ALA A 82 -7.51 17.79 -13.90
C ALA A 82 -6.39 16.92 -13.32
N PRO A 83 -5.15 17.12 -13.82
CA PRO A 83 -3.99 16.39 -13.31
C PRO A 83 -3.79 16.59 -11.81
N SER A 84 -4.31 17.71 -11.29
CA SER A 84 -4.25 17.99 -9.87
C SER A 84 -5.15 17.06 -9.07
N GLN A 85 -6.11 16.42 -9.76
CA GLN A 85 -7.11 15.61 -9.09
C GLN A 85 -6.75 14.13 -9.04
N THR A 86 -5.61 13.76 -9.65
CA THR A 86 -5.11 12.40 -9.52
C THR A 86 -4.82 12.12 -8.05
N SER A 87 -5.44 11.08 -7.50
CA SER A 87 -5.44 10.92 -6.04
C SER A 87 -6.16 9.68 -5.53
N VAL A 88 -6.09 9.51 -4.20
CA VAL A 88 -6.82 8.45 -3.52
C VAL A 88 -7.87 9.06 -2.58
N TYR A 89 -9.15 8.82 -2.88
CA TYR A 89 -10.24 9.40 -2.12
C TYR A 89 -10.84 8.40 -1.14
N PHE A 90 -11.24 8.89 0.02
CA PHE A 90 -11.83 8.04 1.06
C PHE A 90 -13.16 8.58 1.56
N CYS A 91 -14.21 7.77 1.42
CA CYS A 91 -15.50 8.14 1.99
C CYS A 91 -15.53 7.75 3.46
N ALA A 92 -16.00 8.65 4.30
CA ALA A 92 -16.00 8.42 5.75
C ALA A 92 -17.40 8.53 6.33
N SER A 93 -17.60 7.96 7.52
CA SER A 93 -18.88 8.06 8.22
C SER A 93 -18.68 8.32 9.71
N ARG A 94 -19.19 9.45 10.19
CA ARG A 94 -19.02 9.82 11.60
C ARG A 94 -20.22 9.46 12.47
N HIS A 95 -21.19 8.76 11.89
CA HIS A 95 -22.51 8.57 12.51
C HIS A 95 -23.11 10.00 12.75
N GLY A 96 -23.36 10.57 13.94
CA GLY A 96 -22.93 10.19 15.27
C GLY A 96 -23.74 10.82 16.37
N LEU A 97 -23.77 10.15 17.53
CA LEU A 97 -24.40 10.69 18.72
C LEU A 97 -23.39 10.61 19.86
N ALA A 98 -22.94 11.79 20.29
CA ALA A 98 -21.84 11.91 21.25
C ALA A 98 -20.65 11.04 20.84
N SER A 99 -20.45 10.90 19.53
CA SER A 99 -19.45 9.99 19.00
C SER A 99 -18.69 10.61 17.84
N TYR A 100 -17.36 10.67 17.98
CA TYR A 100 -16.49 11.25 16.97
C TYR A 100 -15.87 10.20 16.06
N GLU A 101 -16.17 8.93 16.35
CA GLU A 101 -15.59 7.83 15.57
C GLU A 101 -15.96 7.93 14.10
N GLN A 102 -14.95 7.85 13.24
CA GLN A 102 -15.14 8.02 11.81
C GLN A 102 -14.60 6.83 11.04
N TYR A 103 -15.48 6.10 10.37
CA TYR A 103 -15.10 4.88 9.66
C TYR A 103 -15.00 5.13 8.16
N PHE A 104 -14.04 4.47 7.53
CA PHE A 104 -13.72 4.75 6.13
C PHE A 104 -14.03 3.57 5.21
N GLY A 105 -14.31 3.88 3.95
CA GLY A 105 -14.48 2.85 2.93
C GLY A 105 -13.12 2.37 2.47
N PRO A 106 -13.09 1.36 1.58
CA PRO A 106 -11.85 0.73 1.13
C PRO A 106 -10.91 1.70 0.43
N GLY A 107 -11.44 2.83 -0.01
CA GLY A 107 -10.65 3.83 -0.71
C GLY A 107 -10.73 3.64 -2.21
N THR A 108 -10.58 4.74 -2.96
CA THR A 108 -10.60 4.68 -4.41
C THR A 108 -9.41 5.42 -4.99
N ARG A 109 -8.88 4.94 -6.10
CA ARG A 109 -7.71 5.55 -6.69
C ARG A 109 -7.96 5.93 -8.14
N LEU A 110 -7.78 7.21 -8.48
CA LEU A 110 -8.00 7.60 -9.86
C LEU A 110 -6.88 8.50 -10.41
N THR A 111 -6.66 8.39 -11.72
CA THR A 111 -5.60 9.12 -12.40
C THR A 111 -6.09 9.81 -13.68
N VAL A 112 -5.49 10.97 -13.94
CA VAL A 112 -5.84 11.79 -15.09
C VAL A 112 -4.65 11.98 -16.02
N THR A 113 -4.81 11.57 -17.28
CA THR A 113 -3.75 11.72 -18.27
C THR A 113 -4.31 12.25 -19.58
N GLU A 114 -3.58 13.19 -20.20
CA GLU A 114 -4.07 13.89 -21.38
C GLU A 114 -4.30 12.97 -22.58
N ASP A 115 -3.23 12.34 -23.06
CA ASP A 115 -3.28 11.55 -24.29
C ASP A 115 -4.15 10.30 -24.17
N LEU A 116 -4.15 9.69 -22.99
CA LEU A 116 -4.87 8.44 -22.71
C LEU A 116 -4.29 7.25 -23.50
N LYS A 117 -3.37 7.52 -24.40
CA LYS A 117 -2.68 6.48 -25.15
C LYS A 117 -1.49 5.97 -24.35
N ASN A 118 -1.27 6.58 -23.19
CA ASN A 118 -0.19 6.18 -22.29
C ASN A 118 -0.55 4.92 -21.53
N VAL A 119 -1.81 4.50 -21.62
CA VAL A 119 -2.30 3.34 -20.88
C VAL A 119 -1.80 2.03 -21.51
N PHE A 120 -1.13 1.23 -20.71
CA PHE A 120 -0.60 -0.06 -21.17
C PHE A 120 -0.90 -1.19 -20.18
N PRO A 121 -1.22 -2.38 -20.72
CA PRO A 121 -1.37 -3.57 -19.90
C PRO A 121 -0.02 -4.13 -19.47
N PRO A 122 0.05 -4.74 -18.27
CA PRO A 122 1.32 -5.29 -17.76
C PRO A 122 1.75 -6.57 -18.45
N GLU A 123 3.06 -6.81 -18.49
CA GLU A 123 3.59 -8.07 -18.99
C GLU A 123 4.06 -8.93 -17.82
N VAL A 124 3.43 -10.09 -17.67
CA VAL A 124 3.68 -10.95 -16.52
C VAL A 124 4.65 -12.08 -16.84
N ALA A 125 5.56 -12.35 -15.91
CA ALA A 125 6.49 -13.46 -16.07
C ALA A 125 6.79 -14.13 -14.74
N VAL A 126 6.87 -15.45 -14.75
CA VAL A 126 7.28 -16.20 -13.56
C VAL A 126 8.67 -16.77 -13.76
N PHE A 127 9.57 -16.45 -12.83
CA PHE A 127 10.93 -16.96 -12.92
C PHE A 127 11.13 -18.07 -11.91
N GLU A 128 11.58 -19.23 -12.40
CA GLU A 128 11.68 -20.42 -11.56
C GLU A 128 13.14 -20.75 -11.21
N PRO A 129 13.51 -20.48 -9.95
CA PRO A 129 14.81 -20.74 -9.33
C PRO A 129 14.82 -22.12 -8.65
N SER A 130 15.94 -22.60 -8.09
CA SER A 130 17.28 -22.05 -8.25
C SER A 130 18.33 -23.14 -8.17
N GLU A 131 19.53 -22.82 -8.64
CA GLU A 131 20.71 -23.55 -8.21
C GLU A 131 21.00 -23.03 -6.80
N ALA A 132 21.68 -23.84 -5.99
CA ALA A 132 21.88 -23.54 -4.58
C ALA A 132 20.54 -23.33 -3.87
N GLU A 133 19.77 -24.41 -3.74
CA GLU A 133 18.57 -24.37 -2.93
C GLU A 133 18.93 -25.02 -1.60
N ILE A 134 19.21 -24.19 -0.61
CA ILE A 134 19.67 -24.66 0.69
C ILE A 134 18.53 -25.02 1.62
N SER A 135 17.51 -24.18 1.64
CA SER A 135 16.36 -24.33 2.53
C SER A 135 16.81 -24.41 3.99
N ALA A 140 12.81 -22.76 -1.48
CA ALA A 140 12.75 -22.29 -2.87
C ALA A 140 11.86 -21.06 -2.99
N THR A 141 12.47 -19.93 -3.35
CA THR A 141 11.72 -18.68 -3.48
C THR A 141 11.67 -18.20 -4.92
N LEU A 142 10.48 -18.26 -5.52
CA LEU A 142 10.31 -17.85 -6.91
C LEU A 142 9.61 -16.49 -7.01
N VAL A 143 9.98 -15.73 -8.04
CA VAL A 143 9.47 -14.37 -8.20
C VAL A 143 8.65 -14.18 -9.47
N CYS A 144 7.74 -13.21 -9.42
CA CYS A 144 6.95 -12.82 -10.57
C CYS A 144 7.15 -11.34 -10.88
N LEU A 145 7.26 -11.05 -12.18
CA LEU A 145 7.49 -9.69 -12.64
C LEU A 145 6.37 -9.19 -13.55
N ALA A 146 5.74 -8.09 -13.15
CA ALA A 146 4.84 -7.36 -14.01
C ALA A 146 5.58 -6.15 -14.55
N THR A 147 5.61 -5.99 -15.87
CA THR A 147 6.48 -4.97 -16.46
C THR A 147 5.77 -4.14 -17.52
N GLY A 148 6.00 -2.82 -17.46
CA GLY A 148 5.56 -1.91 -18.50
C GLY A 148 4.07 -1.64 -18.50
N PHE A 149 3.51 -1.37 -17.33
CA PHE A 149 2.08 -1.09 -17.23
C PHE A 149 1.80 0.34 -16.77
N TYR A 150 0.88 0.98 -17.48
CA TYR A 150 0.32 2.26 -17.08
C TYR A 150 -1.17 2.21 -17.36
N PRO A 151 -2.00 2.76 -16.47
CA PRO A 151 -1.71 3.45 -15.19
C PRO A 151 -1.27 2.50 -14.08
N ASP A 152 -1.22 3.04 -12.86
CA ASP A 152 -0.63 2.36 -11.72
C ASP A 152 -1.59 1.44 -10.98
N HIS A 153 -2.79 1.25 -11.54
CA HIS A 153 -3.79 0.44 -10.85
C HIS A 153 -3.65 -1.04 -11.21
N VAL A 154 -3.25 -1.84 -10.22
CA VAL A 154 -3.03 -3.28 -10.38
C VAL A 154 -3.27 -4.02 -9.08
N GLU A 155 -3.72 -5.27 -9.20
CA GLU A 155 -3.86 -6.14 -8.03
C GLU A 155 -3.13 -7.45 -8.27
N LEU A 156 -2.06 -7.68 -7.53
CA LEU A 156 -1.19 -8.83 -7.75
C LEU A 156 -1.39 -9.89 -6.67
N SER A 157 -1.22 -11.16 -7.04
CA SER A 157 -1.43 -12.26 -6.10
C SER A 157 -1.03 -13.61 -6.67
N TRP A 158 -0.87 -14.59 -5.78
CA TRP A 158 -0.38 -15.91 -6.13
C TRP A 158 -1.44 -17.00 -5.94
N TRP A 159 -1.55 -17.88 -6.92
CA TRP A 159 -2.47 -19.00 -6.85
C TRP A 159 -1.73 -20.32 -6.96
N VAL A 160 -1.76 -21.10 -5.89
CA VAL A 160 -1.11 -22.41 -5.86
C VAL A 160 -2.14 -23.52 -5.91
N ASN A 161 -2.07 -24.33 -6.96
CA ASN A 161 -3.01 -25.44 -7.17
C ASN A 161 -4.47 -24.98 -7.21
N GLY A 162 -4.70 -23.79 -7.75
CA GLY A 162 -6.04 -23.26 -7.93
C GLY A 162 -6.54 -22.42 -6.77
N LYS A 163 -5.74 -22.30 -5.72
CA LYS A 163 -6.12 -21.54 -4.54
C LYS A 163 -5.14 -20.39 -4.27
N GLU A 164 -5.68 -19.24 -3.92
CA GLU A 164 -4.85 -18.08 -3.60
C GLU A 164 -4.21 -18.24 -2.23
N VAL A 165 -2.93 -17.91 -2.14
CA VAL A 165 -2.18 -18.06 -0.90
C VAL A 165 -1.46 -16.79 -0.47
N HIS A 166 -1.70 -16.36 0.76
CA HIS A 166 -0.97 -15.25 1.36
C HIS A 166 0.17 -15.76 2.21
N SER A 167 0.33 -17.08 2.22
CA SER A 167 1.26 -17.77 3.13
C SER A 167 2.69 -17.24 3.08
N GLY A 168 3.39 -17.52 1.98
CA GLY A 168 4.78 -17.14 1.85
C GLY A 168 5.03 -15.98 0.91
N VAL A 169 3.99 -15.20 0.63
CA VAL A 169 4.04 -14.16 -0.39
C VAL A 169 4.45 -12.79 0.13
N CYS A 170 5.38 -12.16 -0.58
CA CYS A 170 5.77 -10.78 -0.32
C CYS A 170 5.78 -9.98 -1.62
N THR A 171 5.11 -8.83 -1.60
CA THR A 171 4.99 -7.99 -2.79
C THR A 171 5.50 -6.58 -2.52
N ASP A 172 6.06 -5.94 -3.54
CA ASP A 172 6.55 -4.57 -3.42
C ASP A 172 5.41 -3.59 -3.14
N PRO A 173 5.58 -2.76 -2.10
CA PRO A 173 4.57 -1.75 -1.74
C PRO A 173 4.46 -0.65 -2.79
N GLN A 174 5.55 -0.37 -3.49
CA GLN A 174 5.54 0.64 -4.54
C GLN A 174 6.18 0.10 -5.81
N PRO A 175 5.58 0.44 -6.97
CA PRO A 175 6.10 0.03 -8.28
C PRO A 175 7.30 0.86 -8.73
N LEU A 176 8.17 0.24 -9.52
CA LEU A 176 9.33 0.93 -10.07
C LEU A 176 8.94 1.77 -11.30
N LYS A 177 9.70 2.83 -11.55
CA LYS A 177 9.49 3.66 -12.73
C LYS A 177 10.54 3.36 -13.79
N GLU A 178 10.08 3.18 -15.03
CA GLU A 178 10.97 2.85 -16.13
C GLU A 178 11.52 4.09 -16.82
N GLN A 179 11.12 5.25 -16.35
CA GLN A 179 11.59 6.52 -16.91
C GLN A 179 11.47 7.65 -15.90
N SER A 185 4.73 6.91 -15.56
CA SER A 185 4.76 6.13 -16.79
C SER A 185 6.20 5.82 -17.21
N ARG A 186 6.53 4.54 -17.31
CA ARG A 186 5.58 3.47 -17.00
C ARG A 186 6.03 2.72 -15.75
N TYR A 187 5.28 1.71 -15.35
CA TYR A 187 5.54 1.06 -14.07
C TYR A 187 5.93 -0.42 -14.19
N ALA A 188 6.66 -0.89 -13.18
CA ALA A 188 7.02 -2.29 -13.06
C ALA A 188 6.95 -2.73 -11.60
N LEU A 189 6.28 -3.84 -11.35
CA LEU A 189 6.11 -4.35 -9.99
C LEU A 189 6.65 -5.77 -9.87
N SER A 190 7.23 -6.10 -8.72
CA SER A 190 7.77 -7.44 -8.49
C SER A 190 7.16 -8.07 -7.24
N SER A 191 6.90 -9.37 -7.31
CA SER A 191 6.44 -10.13 -6.15
C SER A 191 7.25 -11.40 -6.02
N ARG A 192 7.13 -12.07 -4.88
CA ARG A 192 7.85 -13.31 -4.66
C ARG A 192 7.14 -14.19 -3.64
N LEU A 193 7.33 -15.50 -3.73
CA LEU A 193 6.89 -16.38 -2.66
C LEU A 193 7.94 -17.45 -2.40
N ARG A 194 7.98 -17.93 -1.17
CA ARG A 194 8.97 -18.91 -0.75
C ARG A 194 8.28 -20.13 -0.19
N VAL A 195 8.63 -21.30 -0.71
CA VAL A 195 8.03 -22.56 -0.27
C VAL A 195 9.11 -23.57 0.12
N SER A 196 8.68 -24.63 0.80
CA SER A 196 9.59 -25.70 1.19
C SER A 196 10.25 -26.31 -0.03
N ALA A 197 11.48 -26.80 0.15
CA ALA A 197 12.26 -27.36 -0.94
C ALA A 197 11.54 -28.53 -1.62
N THR A 198 10.94 -29.40 -0.81
CA THR A 198 10.24 -30.56 -1.33
C THR A 198 8.92 -30.18 -1.99
N PHE A 199 8.37 -29.05 -1.60
CA PHE A 199 7.10 -28.60 -2.16
C PHE A 199 7.24 -28.18 -3.61
N TRP A 200 8.30 -27.44 -3.91
CA TRP A 200 8.56 -26.99 -5.28
C TRP A 200 8.95 -28.15 -6.19
N GLN A 201 9.64 -29.14 -5.61
CA GLN A 201 10.16 -30.26 -6.39
C GLN A 201 9.08 -31.26 -6.79
N ASN A 202 7.87 -31.06 -6.27
CA ASN A 202 6.73 -31.88 -6.66
C ASN A 202 6.13 -31.38 -7.97
N PRO A 203 6.23 -32.18 -9.04
CA PRO A 203 5.76 -31.81 -10.38
C PRO A 203 4.24 -31.65 -10.46
N ARG A 204 3.52 -32.16 -9.46
CA ARG A 204 2.07 -32.07 -9.44
C ARG A 204 1.58 -30.72 -8.90
N ASN A 205 2.51 -29.95 -8.34
CA ASN A 205 2.17 -28.62 -7.83
C ASN A 205 2.23 -27.55 -8.92
N HIS A 206 1.19 -26.71 -8.97
CA HIS A 206 1.11 -25.67 -9.99
C HIS A 206 1.13 -24.27 -9.36
N PHE A 207 1.84 -23.36 -10.00
CA PHE A 207 1.95 -21.99 -9.51
C PHE A 207 1.50 -20.99 -10.57
N ARG A 208 0.70 -20.01 -10.16
CA ARG A 208 0.27 -18.97 -11.08
C ARG A 208 0.40 -17.60 -10.44
N CYS A 209 1.20 -16.72 -11.05
CA CYS A 209 1.29 -15.35 -10.60
C CYS A 209 0.34 -14.49 -11.41
N GLN A 210 -0.72 -13.99 -10.77
CA GLN A 210 -1.76 -13.26 -11.48
C GLN A 210 -1.85 -11.80 -11.08
N VAL A 211 -1.93 -10.93 -12.08
CA VAL A 211 -2.19 -9.51 -11.83
C VAL A 211 -3.44 -9.05 -12.59
N GLN A 212 -4.32 -8.39 -11.85
CA GLN A 212 -5.52 -7.78 -12.39
C GLN A 212 -5.25 -6.32 -12.71
N PHE A 213 -5.37 -5.96 -13.99
CA PHE A 213 -5.14 -4.61 -14.44
C PHE A 213 -6.45 -3.90 -14.76
N TYR A 214 -6.70 -2.82 -14.03
CA TYR A 214 -7.87 -1.99 -14.27
C TYR A 214 -7.54 -0.96 -15.35
N GLY A 215 -8.51 -0.68 -16.22
CA GLY A 215 -8.24 0.04 -17.45
C GLY A 215 -9.49 0.60 -18.08
N LEU A 216 -9.38 0.95 -19.36
CA LEU A 216 -10.48 1.55 -20.10
C LEU A 216 -11.67 0.59 -20.20
N SER A 217 -12.85 1.15 -20.41
CA SER A 217 -14.06 0.35 -20.52
C SER A 217 -14.49 0.19 -21.97
N GLU A 218 -14.94 1.28 -22.58
CA GLU A 218 -15.35 1.27 -23.98
C GLU A 218 -14.92 2.53 -24.74
N ASN A 219 -14.78 2.39 -26.05
CA ASN A 219 -14.64 3.51 -27.01
C ASN A 219 -13.69 4.65 -26.63
N ASP A 220 -12.45 4.32 -26.28
CA ASP A 220 -11.48 5.38 -25.96
C ASP A 220 -11.02 6.23 -27.15
N GLU A 221 -10.57 5.67 -28.29
CA GLU A 221 -10.51 4.25 -28.63
C GLU A 221 -9.10 3.70 -28.49
N TRP A 222 -8.96 2.70 -27.62
CA TRP A 222 -7.74 1.91 -27.49
C TRP A 222 -6.46 2.66 -27.15
N THR A 223 -5.39 2.27 -27.84
CA THR A 223 -4.06 2.81 -27.63
C THR A 223 -3.46 3.09 -29.00
N GLN A 224 -2.43 3.91 -29.04
CA GLN A 224 -1.62 4.08 -30.23
C GLN A 224 -1.14 2.73 -30.76
N ASP A 225 -1.19 2.56 -32.07
CA ASP A 225 -0.95 1.26 -32.72
C ASP A 225 -1.89 0.18 -32.16
N ARG A 226 -3.19 0.49 -32.17
CA ARG A 226 -4.25 -0.46 -31.84
C ARG A 226 -4.24 -1.14 -30.46
N ALA A 227 -4.54 -2.44 -30.49
CA ALA A 227 -4.95 -3.26 -29.34
C ALA A 227 -6.05 -2.59 -28.54
N LYS A 228 -6.10 -2.84 -27.23
CA LYS A 228 -6.83 -2.01 -26.26
C LYS A 228 -6.27 -2.26 -24.84
N PRO A 229 -6.26 -1.23 -23.97
CA PRO A 229 -5.93 -1.48 -22.57
C PRO A 229 -7.17 -1.60 -21.70
N VAL A 230 -8.01 -2.59 -21.97
CA VAL A 230 -9.25 -2.76 -21.23
C VAL A 230 -8.94 -3.33 -19.85
N THR A 231 -9.95 -3.45 -19.00
CA THR A 231 -9.76 -4.09 -17.70
C THR A 231 -9.65 -5.58 -17.91
N GLN A 232 -8.53 -6.16 -17.47
CA GLN A 232 -8.28 -7.56 -17.77
C GLN A 232 -7.42 -8.22 -16.70
N ILE A 233 -7.18 -9.52 -16.88
CA ILE A 233 -6.30 -10.27 -15.98
C ILE A 233 -5.19 -10.93 -16.79
N VAL A 234 -3.95 -10.64 -16.41
CA VAL A 234 -2.81 -11.27 -17.05
C VAL A 234 -2.01 -12.04 -16.01
N SER A 235 -1.63 -13.27 -16.34
CA SER A 235 -0.95 -14.11 -15.38
C SER A 235 0.24 -14.86 -15.99
N ALA A 236 0.94 -15.61 -15.16
CA ALA A 236 2.10 -16.38 -15.57
C ALA A 236 2.12 -17.73 -14.86
N GLU A 237 2.58 -18.75 -15.57
CA GLU A 237 2.41 -20.14 -15.12
C GLU A 237 3.73 -20.86 -14.91
N ALA A 238 3.80 -21.64 -13.83
CA ALA A 238 4.98 -22.44 -13.53
C ALA A 238 4.59 -23.80 -12.94
N TRP A 239 5.39 -24.82 -13.23
CA TRP A 239 5.15 -26.16 -12.72
C TRP A 239 6.32 -26.64 -11.85
N GLY A 240 6.05 -27.63 -11.01
CA GLY A 240 7.08 -28.19 -10.15
C GLY A 240 8.20 -28.86 -10.92
N ARG A 241 9.44 -28.53 -10.56
CA ARG A 241 10.60 -29.10 -11.23
C ARG A 241 11.20 -30.25 -10.44
N ALA A 242 11.31 -31.41 -11.07
CA ALA A 242 11.76 -32.63 -10.40
C ALA A 242 13.22 -32.56 -9.98
N ASP A 243 13.97 -31.69 -10.64
CA ASP A 243 15.41 -31.55 -10.41
C ASP A 243 15.74 -31.21 -8.96
N PRO B 1 -1.72 25.08 12.36
CA PRO B 1 -0.88 24.33 13.29
C PRO B 1 -1.68 23.76 14.46
N LYS B 2 -2.77 23.08 14.16
CA LYS B 2 -3.67 22.55 15.19
C LYS B 2 -3.10 21.31 15.87
N VAL B 3 -2.37 20.51 15.10
CA VAL B 3 -1.83 19.24 15.62
C VAL B 3 -0.42 18.96 15.10
N VAL B 4 0.48 18.56 16.00
CA VAL B 4 1.84 18.16 15.61
C VAL B 4 2.26 16.90 16.35
N GLN B 5 2.81 15.94 15.61
CA GLN B 5 3.18 14.65 16.19
C GLN B 5 4.68 14.42 16.18
N SER B 6 5.17 13.70 17.19
CA SER B 6 6.58 13.34 17.28
C SER B 6 6.73 11.93 17.82
N PRO B 7 7.74 11.19 17.32
CA PRO B 7 8.69 11.59 16.28
C PRO B 7 8.08 11.56 14.87
N LEU B 8 8.73 12.23 13.93
CA LEU B 8 8.26 12.25 12.55
C LEU B 8 8.45 10.88 11.91
N SER B 9 9.66 10.33 12.03
CA SER B 9 9.94 8.99 11.54
C SER B 9 10.63 8.16 12.62
N LEU B 10 10.13 6.94 12.81
CA LEU B 10 10.65 6.05 13.83
C LEU B 10 10.94 4.67 13.27
N VAL B 11 12.13 4.15 13.55
CA VAL B 11 12.52 2.82 13.10
C VAL B 11 13.07 2.00 14.26
N VAL B 12 12.40 0.89 14.56
CA VAL B 12 12.81 0.03 15.67
C VAL B 12 12.97 -1.42 15.23
N HIS B 13 13.83 -2.16 15.91
CA HIS B 13 13.90 -3.59 15.75
C HIS B 13 12.64 -4.18 16.38
N GLU B 14 12.31 -5.43 16.03
CA GLU B 14 11.09 -6.06 16.53
C GLU B 14 11.05 -6.07 18.05
N GLY B 15 9.85 -5.95 18.59
CA GLY B 15 9.67 -5.89 20.03
C GLY B 15 9.91 -4.50 20.58
N ASP B 16 10.41 -4.43 21.80
CA ASP B 16 10.56 -3.19 22.56
C ASP B 16 9.24 -2.42 22.64
N THR B 17 9.30 -1.10 22.57
CA THR B 17 8.10 -0.25 22.72
C THR B 17 8.24 1.03 21.92
N VAL B 18 7.13 1.74 21.74
CA VAL B 18 7.16 3.06 21.12
C VAL B 18 6.19 4.01 21.81
N THR B 19 6.68 5.19 22.17
CA THR B 19 5.84 6.22 22.75
C THR B 19 5.66 7.37 21.76
N LEU B 20 4.41 7.57 21.33
CA LEU B 20 4.12 8.59 20.33
C LEU B 20 3.45 9.81 20.96
N ASN B 21 4.12 10.96 20.83
CA ASN B 21 3.66 12.20 21.44
C ASN B 21 2.84 13.04 20.46
N CYS B 22 1.65 13.46 20.91
CA CYS B 22 0.76 14.27 20.08
C CYS B 22 0.42 15.58 20.76
N SER B 23 0.61 16.69 20.05
CA SER B 23 0.33 18.02 20.60
C SER B 23 -0.79 18.72 19.83
N TYR B 24 -1.72 19.32 20.57
CA TYR B 24 -2.88 19.96 19.96
C TYR B 24 -3.17 21.33 20.55
N GLU B 25 -4.04 22.09 19.87
CA GLU B 25 -4.46 23.41 20.34
C GLU B 25 -5.54 23.29 21.42
N VAL B 26 -5.47 24.16 22.43
CA VAL B 26 -6.33 24.04 23.60
C VAL B 26 -7.64 24.82 23.50
N THR B 27 -7.77 25.69 22.51
CA THR B 27 -9.01 26.46 22.36
C THR B 27 -9.50 26.55 20.91
N ASN B 28 -10.67 25.98 20.62
CA ASN B 28 -11.36 25.06 21.51
C ASN B 28 -10.90 23.66 21.17
N PHE B 29 -11.58 22.63 21.67
CA PHE B 29 -11.11 21.26 21.46
C PHE B 29 -12.05 20.17 21.93
N ARG B 30 -11.77 18.96 21.46
CA ARG B 30 -12.56 17.76 21.71
C ARG B 30 -11.67 16.54 21.55
N SER B 31 -12.29 15.37 21.44
CA SER B 31 -11.58 14.09 21.41
C SER B 31 -10.42 14.00 20.42
N LEU B 32 -9.34 13.36 20.87
CA LEU B 32 -8.26 12.95 19.98
C LEU B 32 -8.55 11.55 19.46
N LEU B 33 -8.47 11.38 18.14
CA LEU B 33 -8.79 10.09 17.53
C LEU B 33 -7.56 9.43 16.91
N TRP B 34 -7.10 8.35 17.52
CA TRP B 34 -5.94 7.64 17.00
C TRP B 34 -6.32 6.63 15.92
N TYR B 35 -5.63 6.75 14.78
CA TYR B 35 -5.80 5.88 13.63
C TYR B 35 -4.45 5.32 13.17
N LYS B 36 -4.46 4.11 12.63
CA LYS B 36 -3.27 3.50 12.05
C LYS B 36 -3.50 3.19 10.57
N GLN B 37 -2.77 3.86 9.70
CA GLN B 37 -2.93 3.68 8.26
C GLN B 37 -1.73 3.01 7.60
N GLU B 38 -1.98 1.87 6.96
CA GLU B 38 -0.96 1.22 6.14
C GLU B 38 -1.47 0.86 4.76
N LYS B 39 -0.97 1.54 3.74
CA LYS B 39 -1.26 1.25 2.33
C LYS B 39 -2.73 1.03 2.02
N LYS B 40 -3.60 1.75 2.72
CA LYS B 40 -5.05 1.54 2.65
C LYS B 40 -5.76 2.52 3.57
N ALA B 41 -7.09 2.47 3.58
CA ALA B 41 -7.89 3.32 4.45
C ALA B 41 -7.48 3.19 5.91
N PRO B 42 -7.48 4.31 6.64
CA PRO B 42 -7.12 4.34 8.06
C PRO B 42 -8.02 3.44 8.91
N THR B 43 -7.44 2.83 9.93
CA THR B 43 -8.20 1.98 10.84
C THR B 43 -8.34 2.66 12.20
N PHE B 44 -9.58 2.78 12.67
CA PHE B 44 -9.84 3.42 13.95
C PHE B 44 -9.20 2.65 15.10
N LEU B 45 -8.42 3.35 15.92
CA LEU B 45 -7.81 2.74 17.08
C LEU B 45 -8.42 3.27 18.37
N PHE B 46 -8.27 4.57 18.62
CA PHE B 46 -8.69 5.10 19.92
C PHE B 46 -9.51 6.39 19.88
N MET B 47 -10.44 6.48 20.83
CA MET B 47 -11.23 7.70 21.05
C MET B 47 -11.04 8.21 22.47
N LEU B 48 -10.42 9.38 22.60
CA LEU B 48 -9.98 9.91 23.88
C LEU B 48 -10.95 10.88 24.58
N THR B 49 -12.15 11.03 24.05
CA THR B 49 -13.08 12.10 24.46
C THR B 49 -13.32 12.21 25.97
N SER B 50 -13.10 13.42 26.49
CA SER B 50 -13.50 13.80 27.85
C SER B 50 -12.82 13.02 28.96
N SER B 51 -12.06 12.00 28.57
CA SER B 51 -11.50 11.02 29.49
C SER B 51 -10.33 11.55 30.31
N GLY B 52 -10.06 10.90 31.44
CA GLY B 52 -9.06 11.33 32.40
C GLY B 52 -7.61 11.55 31.95
N ILE B 53 -6.93 10.52 31.44
CA ILE B 53 -7.42 9.15 31.34
C ILE B 53 -6.30 8.13 31.49
N GLU B 54 -6.62 6.99 32.10
CA GLU B 54 -5.80 5.79 31.95
C GLU B 54 -6.62 4.79 31.14
N LYS B 55 -6.22 4.57 29.89
CA LYS B 55 -7.00 3.73 28.98
C LYS B 55 -6.12 2.83 28.13
N LYS B 56 -6.57 1.60 27.92
CA LYS B 56 -5.85 0.64 27.10
C LYS B 56 -6.79 -0.30 26.36
N SER B 57 -6.43 -0.62 25.12
CA SER B 57 -7.16 -1.61 24.34
C SER B 57 -6.18 -2.54 23.63
N GLY B 58 -6.26 -3.82 23.92
CA GLY B 58 -5.36 -4.80 23.33
C GLY B 58 -3.93 -4.59 23.79
N ARG B 59 -3.02 -4.44 22.83
CA ARG B 59 -1.61 -4.26 23.14
C ARG B 59 -1.22 -2.78 23.21
N LEU B 60 -2.21 -1.91 23.06
CA LEU B 60 -1.97 -0.47 23.02
C LEU B 60 -2.68 0.26 24.16
N SER B 61 -2.19 1.45 24.49
CA SER B 61 -2.80 2.28 25.53
C SER B 61 -2.86 3.74 25.09
N SER B 62 -4.04 4.33 25.18
CA SER B 62 -4.30 5.68 24.66
C SER B 62 -4.17 6.79 25.70
N ILE B 63 -3.72 6.44 26.91
CA ILE B 63 -3.80 7.33 28.07
C ILE B 63 -3.29 8.76 27.83
N LEU B 64 -4.11 9.72 28.23
CA LEU B 64 -3.84 11.14 28.02
C LEU B 64 -4.08 11.93 29.30
N ASP B 65 -3.25 12.95 29.53
CA ASP B 65 -3.41 13.82 30.69
C ASP B 65 -3.25 15.28 30.28
N LYS B 66 -3.60 16.20 31.18
CA LYS B 66 -3.43 17.62 30.90
C LYS B 66 -2.52 18.30 31.94
N LYS B 67 -1.29 18.72 31.58
CA LYS B 67 -0.58 18.48 30.32
C LYS B 67 -1.30 18.93 29.06
N GLU B 68 -1.34 20.24 28.84
CA GLU B 68 -2.23 20.89 27.86
C GLU B 68 -2.25 20.17 26.51
N LEU B 69 -1.10 19.73 26.03
CA LEU B 69 -1.08 18.85 24.86
C LEU B 69 -0.22 17.62 25.09
N PHE B 70 -0.85 16.46 25.21
CA PHE B 70 -0.11 15.20 25.28
C PHE B 70 -0.98 13.98 24.96
N SER B 71 -0.33 12.89 24.54
CA SER B 71 -0.93 11.56 24.57
C SER B 71 0.19 10.55 24.71
N ILE B 72 -0.02 9.50 25.50
CA ILE B 72 1.04 8.52 25.74
C ILE B 72 1.27 7.61 24.53
N LEU B 73 0.19 6.95 24.09
CA LEU B 73 0.25 5.95 23.03
C LEU B 73 1.43 4.98 23.18
N ASN B 74 1.39 4.13 24.19
CA ASN B 74 2.41 3.11 24.36
C ASN B 74 2.22 1.96 23.38
N ILE B 75 3.13 0.99 23.42
CA ILE B 75 3.03 -0.19 22.59
C ILE B 75 3.81 -1.32 23.27
N THR B 76 3.46 -2.57 22.96
CA THR B 76 4.20 -3.70 23.51
C THR B 76 4.44 -4.77 22.45
N ALA B 77 5.67 -5.29 22.42
CA ALA B 77 6.06 -6.34 21.49
C ALA B 77 5.75 -5.94 20.04
N THR B 78 6.48 -4.94 19.53
CA THR B 78 6.28 -4.47 18.17
C THR B 78 6.49 -5.61 17.17
N GLN B 79 5.54 -5.77 16.27
CA GLN B 79 5.57 -6.88 15.32
C GLN B 79 5.74 -6.36 13.90
N THR B 80 6.27 -7.20 13.02
CA THR B 80 6.59 -6.81 11.64
C THR B 80 5.41 -6.21 10.87
N GLY B 81 4.20 -6.57 11.25
CA GLY B 81 3.01 -6.07 10.58
C GLY B 81 2.50 -4.75 11.15
N ASP B 82 3.25 -4.20 12.10
CA ASP B 82 2.84 -2.95 12.74
C ASP B 82 3.40 -1.72 12.03
N SER B 83 4.12 -1.94 10.93
CA SER B 83 4.70 -0.83 10.19
C SER B 83 3.60 -0.06 9.48
N ALA B 84 3.50 1.23 9.79
CA ALA B 84 2.39 2.07 9.31
C ALA B 84 2.53 3.51 9.80
N VAL B 85 1.67 4.38 9.30
CA VAL B 85 1.65 5.77 9.76
C VAL B 85 0.56 5.95 10.81
N TYR B 86 0.87 6.66 11.89
CA TYR B 86 -0.08 6.84 12.98
C TYR B 86 -0.54 8.29 13.10
N LEU B 87 -1.85 8.48 13.15
CA LEU B 87 -2.44 9.82 13.20
C LEU B 87 -3.31 10.02 14.44
N CYS B 88 -3.06 11.08 15.19
CA CYS B 88 -3.85 11.34 16.39
C CYS B 88 -5.11 12.14 16.08
N ALA B 89 -5.24 12.57 14.83
CA ALA B 89 -6.35 13.39 14.35
C ALA B 89 -6.56 14.63 15.21
N TRP B 90 -7.83 14.98 15.43
CA TRP B 90 -8.23 16.17 16.16
C TRP B 90 -9.76 16.33 16.16
N ALA B 91 -10.28 17.08 17.12
CA ALA B 91 -11.67 17.50 17.09
C ALA B 91 -11.81 18.83 17.83
N GLY B 92 -12.67 19.71 17.33
CA GLY B 92 -12.83 21.02 17.94
C GLY B 92 -13.81 21.92 17.20
N GLY B 93 -14.10 23.06 17.80
CA GLY B 93 -15.04 24.02 17.22
C GLY B 93 -14.39 25.21 16.57
N THR B 94 -15.18 26.01 15.87
CA THR B 94 -16.62 25.79 15.74
C THR B 94 -16.96 24.95 14.50
N SER B 95 -18.24 24.90 14.16
CA SER B 95 -18.73 24.17 12.99
C SER B 95 -18.40 22.68 13.04
N TYR B 96 -19.07 21.97 13.94
CA TYR B 96 -18.88 20.54 14.13
C TYR B 96 -19.52 19.74 12.98
N GLY B 97 -19.06 18.51 12.75
CA GLY B 97 -17.85 17.99 13.34
C GLY B 97 -16.75 18.01 12.29
N LYS B 98 -15.50 17.91 12.72
CA LYS B 98 -14.39 17.87 11.78
C LYS B 98 -13.12 17.26 12.36
N LEU B 99 -12.22 16.86 11.46
CA LEU B 99 -10.96 16.26 11.85
C LEU B 99 -9.80 17.01 11.24
N THR B 100 -8.78 17.29 12.05
CA THR B 100 -7.54 17.88 11.56
C THR B 100 -6.42 16.86 11.72
N PHE B 101 -5.92 16.34 10.60
CA PHE B 101 -4.90 15.30 10.64
C PHE B 101 -3.50 15.89 10.57
N GLY B 102 -2.61 15.39 11.42
CA GLY B 102 -1.22 15.81 11.40
C GLY B 102 -0.47 15.11 10.27
N GLN B 103 0.84 15.36 10.20
CA GLN B 103 1.67 14.73 9.18
C GLN B 103 1.76 13.23 9.39
N GLY B 104 1.48 12.79 10.62
CA GLY B 104 1.50 11.39 10.96
C GLY B 104 2.89 10.92 11.33
N THR B 105 2.94 9.87 12.16
CA THR B 105 4.22 9.28 12.54
C THR B 105 4.47 8.01 11.73
N ILE B 106 5.47 8.05 10.86
CA ILE B 106 5.81 6.88 10.07
C ILE B 106 6.62 5.93 10.93
N LEU B 107 6.09 4.72 11.12
CA LEU B 107 6.71 3.74 12.00
C LEU B 107 7.09 2.48 11.24
N THR B 108 8.37 2.12 11.34
CA THR B 108 8.89 0.92 10.68
C THR B 108 9.54 0.01 11.72
N VAL B 109 9.15 -1.26 11.71
CA VAL B 109 9.69 -2.23 12.66
C VAL B 109 10.27 -3.44 11.93
N HIS B 110 11.58 -3.65 12.09
CA HIS B 110 12.26 -4.74 11.43
C HIS B 110 12.07 -6.07 12.16
N PRO B 111 11.94 -7.17 11.42
CA PRO B 111 11.82 -8.51 11.99
C PRO B 111 13.15 -9.05 12.48
N ASN B 112 13.13 -10.02 13.40
CA ASN B 112 14.35 -10.64 13.88
C ASN B 112 14.70 -11.91 13.12
N ILE B 113 15.83 -11.88 12.42
CA ILE B 113 16.38 -13.10 11.87
C ILE B 113 17.54 -13.55 12.76
N GLN B 114 17.64 -14.85 12.98
CA GLN B 114 18.63 -15.37 13.92
C GLN B 114 19.93 -15.76 13.23
N LYS B 115 19.85 -16.69 12.29
CA LYS B 115 21.04 -17.19 11.61
C LYS B 115 20.97 -16.88 10.12
N PRO B 116 21.40 -15.66 9.75
CA PRO B 116 21.36 -15.20 8.35
C PRO B 116 22.30 -16.00 7.45
N ASP B 117 21.81 -16.38 6.28
CA ASP B 117 22.65 -16.96 5.25
C ASP B 117 22.45 -16.16 3.96
N PRO B 118 22.87 -14.89 3.96
CA PRO B 118 22.59 -13.99 2.84
C PRO B 118 23.21 -14.50 1.55
N ALA B 119 22.62 -14.16 0.40
CA ALA B 119 23.09 -14.70 -0.86
C ALA B 119 22.39 -14.09 -2.07
N VAL B 120 23.02 -14.25 -3.23
CA VAL B 120 22.49 -13.73 -4.48
C VAL B 120 22.42 -14.83 -5.52
N TYR B 121 21.22 -15.16 -5.99
CA TYR B 121 21.06 -16.22 -6.96
C TYR B 121 20.57 -15.69 -8.30
N GLN B 122 20.44 -16.58 -9.26
CA GLN B 122 20.03 -16.24 -10.61
C GLN B 122 18.98 -17.24 -11.10
N LEU B 123 17.90 -16.71 -11.69
CA LEU B 123 16.78 -17.55 -12.10
C LEU B 123 16.28 -17.15 -13.50
N ARG B 124 15.65 -18.10 -14.17
CA ARG B 124 15.22 -17.91 -15.55
C ARG B 124 13.70 -18.06 -15.71
N ASP B 125 13.17 -17.53 -16.80
CA ASP B 125 11.73 -17.53 -17.06
C ASP B 125 11.24 -18.94 -17.42
N SER B 126 9.94 -19.07 -17.63
CA SER B 126 9.35 -20.34 -18.05
C SER B 126 9.55 -20.57 -19.54
N LYS B 127 8.87 -19.77 -20.35
CA LYS B 127 9.07 -19.79 -21.80
C LYS B 127 9.42 -18.39 -22.27
N SER B 128 10.64 -18.22 -22.75
CA SER B 128 11.16 -16.88 -23.06
C SER B 128 12.38 -16.88 -23.97
N SER B 129 13.00 -15.72 -24.05
CA SER B 129 14.23 -15.49 -24.81
C SER B 129 15.43 -15.81 -23.92
N ASP B 130 15.12 -16.42 -22.77
CA ASP B 130 16.07 -16.67 -21.68
C ASP B 130 16.48 -15.39 -20.98
N LYS B 131 15.51 -14.49 -20.81
CA LYS B 131 15.67 -13.35 -19.91
C LYS B 131 15.71 -13.86 -18.48
N SER B 132 16.44 -13.15 -17.61
CA SER B 132 16.70 -13.67 -16.27
C SER B 132 16.57 -12.62 -15.17
N VAL B 133 16.52 -13.09 -13.92
CA VAL B 133 16.37 -12.24 -12.75
C VAL B 133 17.30 -12.67 -11.62
N CYS B 134 17.93 -11.71 -10.97
CA CYS B 134 18.82 -11.99 -9.84
C CYS B 134 18.12 -11.67 -8.51
N LEU B 135 18.37 -12.51 -7.51
CA LEU B 135 17.68 -12.39 -6.22
C LEU B 135 18.63 -12.32 -5.03
N PHE B 136 18.55 -11.24 -4.26
CA PHE B 136 19.32 -11.08 -3.04
C PHE B 136 18.44 -11.38 -1.83
N THR B 137 18.80 -12.39 -1.04
CA THR B 137 17.94 -12.82 0.06
C THR B 137 18.68 -13.28 1.31
N ASP B 138 17.91 -13.38 2.41
CA ASP B 138 18.31 -13.99 3.68
C ASP B 138 19.21 -13.11 4.55
N PHE B 139 19.54 -11.93 4.06
CA PHE B 139 20.39 -11.01 4.82
C PHE B 139 19.63 -10.36 5.99
N ASP B 140 20.35 -9.54 6.76
CA ASP B 140 19.76 -8.85 7.91
C ASP B 140 19.00 -7.61 7.47
N SER B 141 17.92 -7.30 8.17
CA SER B 141 16.99 -6.25 7.76
C SER B 141 17.57 -4.83 7.84
N GLN B 142 18.72 -4.66 8.48
CA GLN B 142 19.31 -3.33 8.60
C GLN B 142 20.01 -2.90 7.31
N THR B 143 20.57 -3.88 6.59
CA THR B 143 21.31 -3.61 5.35
C THR B 143 20.47 -2.85 4.33
N ASN B 144 21.01 -1.75 3.82
CA ASN B 144 20.32 -0.93 2.85
C ASN B 144 20.31 -1.56 1.46
N VAL B 145 19.62 -0.92 0.53
CA VAL B 145 19.57 -1.37 -0.86
C VAL B 145 19.65 -0.16 -1.79
N SER B 146 20.53 -0.22 -2.79
CA SER B 146 20.73 0.88 -3.71
C SER B 146 19.75 0.83 -4.87
N GLN B 147 19.33 2.02 -5.33
CA GLN B 147 18.44 2.13 -6.48
C GLN B 147 19.18 1.82 -7.77
N SER B 148 18.49 1.96 -8.90
CA SER B 148 19.05 1.64 -10.21
C SER B 148 20.33 2.42 -10.51
N LYS B 149 21.38 1.68 -10.85
CA LYS B 149 22.67 2.27 -11.19
C LYS B 149 22.59 3.22 -12.39
N ASP B 150 22.34 2.65 -13.56
CA ASP B 150 22.28 3.43 -14.80
C ASP B 150 20.84 3.78 -15.17
N SER B 151 19.91 3.38 -14.30
CA SER B 151 18.47 3.65 -14.47
C SER B 151 17.85 2.89 -15.65
N ASP B 152 18.69 2.21 -16.42
CA ASP B 152 18.20 1.36 -17.50
C ASP B 152 18.05 -0.08 -17.00
N VAL B 153 18.36 -0.26 -15.71
CA VAL B 153 18.18 -1.53 -15.03
C VAL B 153 17.26 -1.30 -13.84
N TYR B 154 16.69 -2.36 -13.29
CA TYR B 154 15.68 -2.21 -12.26
C TYR B 154 16.00 -3.00 -10.99
N ILE B 155 15.95 -2.31 -9.86
CA ILE B 155 16.21 -2.93 -8.56
C ILE B 155 15.15 -2.49 -7.56
N THR B 156 14.60 -3.45 -6.82
CA THR B 156 13.60 -3.15 -5.80
C THR B 156 14.27 -2.81 -4.48
N ASP B 157 13.46 -2.66 -3.43
CA ASP B 157 13.99 -2.41 -2.10
C ASP B 157 13.67 -3.58 -1.17
N LYS B 158 14.11 -3.48 0.08
CA LYS B 158 13.96 -4.57 1.04
C LYS B 158 12.50 -4.92 1.29
N CYS B 159 12.18 -6.20 1.15
CA CYS B 159 10.84 -6.69 1.39
C CYS B 159 10.89 -8.03 2.12
N VAL B 160 10.08 -8.18 3.16
CA VAL B 160 10.14 -9.38 4.00
C VAL B 160 8.90 -10.26 3.83
N LEU B 161 9.13 -11.57 3.71
CA LEU B 161 8.04 -12.54 3.69
C LEU B 161 8.10 -13.41 4.94
N ASP B 162 7.12 -14.28 5.06
CA ASP B 162 6.93 -15.06 6.27
C ASP B 162 6.29 -16.40 5.94
N MET B 163 6.47 -17.38 6.83
CA MET B 163 5.73 -18.63 6.74
C MET B 163 5.26 -19.05 8.12
N ARG B 164 3.95 -19.16 8.29
CA ARG B 164 3.36 -19.50 9.57
C ARG B 164 3.80 -20.89 10.02
N SER B 165 3.89 -21.80 9.06
CA SER B 165 4.34 -23.17 9.31
C SER B 165 5.74 -23.22 9.90
N MET B 166 6.73 -22.80 9.11
CA MET B 166 8.14 -22.94 9.47
C MET B 166 8.67 -21.77 10.29
N ASP B 167 7.81 -20.78 10.58
CA ASP B 167 8.16 -19.63 11.42
C ASP B 167 9.21 -18.72 10.78
N PHE B 168 9.73 -19.12 9.62
CA PHE B 168 10.79 -18.38 8.94
C PHE B 168 10.29 -17.04 8.40
N LYS B 169 10.97 -15.97 8.79
CA LYS B 169 10.71 -14.66 8.22
C LYS B 169 11.95 -14.19 7.47
N SER B 170 11.85 -14.06 6.16
CA SER B 170 13.03 -13.80 5.33
C SER B 170 12.90 -12.54 4.50
N ASN B 171 13.95 -11.70 4.52
CA ASN B 171 13.94 -10.51 3.68
C ASN B 171 14.43 -10.85 2.28
N SER B 172 14.38 -9.87 1.37
CA SER B 172 14.76 -10.07 -0.02
C SER B 172 14.61 -8.81 -0.88
N ALA B 173 15.29 -8.83 -2.01
CA ALA B 173 15.14 -7.81 -3.04
C ALA B 173 15.54 -8.42 -4.39
N VAL B 174 14.99 -7.90 -5.49
CA VAL B 174 15.33 -8.44 -6.80
C VAL B 174 15.94 -7.38 -7.71
N ALA B 175 16.79 -7.83 -8.63
CA ALA B 175 17.39 -6.95 -9.62
C ALA B 175 17.46 -7.67 -10.95
N TRP B 176 17.04 -7.00 -12.03
CA TRP B 176 16.91 -7.70 -13.31
C TRP B 176 17.11 -6.82 -14.54
N SER B 177 17.48 -7.47 -15.64
CA SER B 177 17.42 -6.86 -16.96
C SER B 177 17.29 -7.96 -18.01
N ASN B 178 17.10 -7.57 -19.26
CA ASN B 178 17.03 -8.53 -20.36
C ASN B 178 18.41 -8.93 -20.89
N LYS B 179 19.38 -8.03 -20.72
CA LYS B 179 20.72 -8.20 -21.29
C LYS B 179 21.41 -9.49 -20.87
N SER B 180 22.13 -10.10 -21.81
CA SER B 180 22.89 -11.31 -21.53
C SER B 180 24.20 -11.00 -20.80
N ASP B 181 24.65 -9.75 -20.94
CA ASP B 181 25.85 -9.30 -20.26
C ASP B 181 25.58 -9.01 -18.78
N PHE B 182 24.31 -9.08 -18.40
CA PHE B 182 23.89 -8.85 -17.03
C PHE B 182 24.28 -10.02 -16.12
N ALA B 183 25.01 -9.72 -15.04
CA ALA B 183 25.45 -10.75 -14.10
C ALA B 183 25.33 -10.25 -12.67
N CYS B 184 24.81 -11.09 -11.79
CA CYS B 184 24.47 -10.72 -10.42
C CYS B 184 25.60 -10.03 -9.66
N ALA B 185 26.75 -10.69 -9.62
CA ALA B 185 27.96 -10.11 -9.04
C ALA B 185 28.21 -8.72 -9.61
N ASN B 186 28.41 -8.67 -10.92
CA ASN B 186 28.57 -7.42 -11.63
C ASN B 186 27.40 -6.45 -11.42
N ALA B 187 26.21 -7.00 -11.22
CA ALA B 187 25.01 -6.18 -11.07
C ALA B 187 24.98 -5.36 -9.79
N PHE B 188 25.12 -6.01 -8.65
CA PHE B 188 24.84 -5.33 -7.38
C PHE B 188 26.04 -4.69 -6.68
N ASN B 189 27.18 -4.61 -7.37
CA ASN B 189 28.38 -3.97 -6.80
C ASN B 189 28.13 -2.55 -6.29
N ASN B 190 27.01 -1.95 -6.73
CA ASN B 190 26.60 -0.62 -6.30
C ASN B 190 26.65 -0.44 -4.79
N SER B 191 26.09 -1.39 -4.05
CA SER B 191 26.20 -1.39 -2.60
C SER B 191 26.86 -2.67 -2.12
N ILE B 192 27.77 -2.55 -1.16
CA ILE B 192 28.54 -3.68 -0.69
C ILE B 192 27.75 -4.56 0.27
N ILE B 193 27.57 -5.83 -0.12
CA ILE B 193 26.92 -6.81 0.74
C ILE B 193 27.97 -7.49 1.60
N PRO B 194 27.56 -7.99 2.78
CA PRO B 194 28.48 -8.73 3.67
C PRO B 194 29.13 -9.92 2.96
N GLU B 195 30.32 -10.31 3.39
CA GLU B 195 31.05 -11.40 2.75
C GLU B 195 30.35 -12.74 2.94
N ASP B 196 29.35 -12.77 3.82
CA ASP B 196 28.54 -13.96 4.06
C ASP B 196 27.69 -14.32 2.84
N THR B 197 27.72 -13.46 1.83
CA THR B 197 26.94 -13.65 0.62
C THR B 197 27.47 -14.82 -0.21
N PHE B 198 26.83 -15.10 -1.33
CA PHE B 198 27.12 -16.28 -2.13
C PHE B 198 27.17 -15.92 -3.61
N PHE B 199 28.24 -16.34 -4.28
CA PHE B 199 28.37 -16.16 -5.72
C PHE B 199 28.72 -17.47 -6.40
N PRO B 200 27.71 -18.30 -6.68
CA PRO B 200 27.90 -19.61 -7.32
C PRO B 200 28.53 -19.50 -8.70
N SER B 201 29.57 -20.29 -8.94
CA SER B 201 30.28 -20.26 -10.22
C SER B 201 31.09 -21.54 -10.43
#